data_6YR7
#
_entry.id   6YR7
#
_cell.length_a   133.106
_cell.length_b   70.213
_cell.length_c   80.626
_cell.angle_alpha   90.000
_cell.angle_beta   101.970
_cell.angle_gamma   90.000
#
_symmetry.space_group_name_H-M   'C 1 2 1'
#
loop_
_entity.id
_entity.type
_entity.pdbx_description
1 polymer '14-3-3 protein sigma'
2 polymer 'Protein Mdm4'
3 non-polymer 2-[3-(2-HYDROXY-1,1-DIHYDROXYMETHYL-ETHYLAMINO)-PROPYLAMINO]-2-HYDROXYMETHYL-PROPANE-1,3-DIOL
4 water water
#
loop_
_entity_poly.entity_id
_entity_poly.type
_entity_poly.pdbx_seq_one_letter_code
_entity_poly.pdbx_strand_id
1 'polypeptide(L)'
;GAMGSMERASLIQKAKLAEQAERYEDMAAFMKGAVEKGEELSCEERNLLSVAYKNVVGGQRAAWRVLSSIEQKSNEEGSE
EKGPEVREYREKVETELQGVCDTVLGLLDSHLIKEAGDAESRVFYLKMKGDYYRYLAEVATGDDKKRIIDSARSAYQEAM
DISKKEMPPTNPIRLGLALNFSVFHYEIANSPEEAISLAKTTFDEAMADLHTLSEDSYKDSTLIMQLLRDNLTLWT
;
A,B
2 'polypeptide(L)' SKLTHSL(SEP)TSDITAIPEKENEGNDVPDCRRTI(SEP)APVVRPK Q,C
#
loop_
_chem_comp.id
_chem_comp.type
_chem_comp.name
_chem_comp.formula
B3P non-polymer 2-[3-(2-HYDROXY-1,1-DIHYDROXYMETHYL-ETHYLAMINO)-PROPYLAMINO]-2-HYDROXYMETHYL-PROPANE-1,3-DIOL 'C11 H26 N2 O6'
#
# COMPACT_ATOMS: atom_id res chain seq x y z
N ALA A 2 23.91 5.10 2.44
CA ALA A 2 22.66 5.25 3.22
C ALA A 2 22.51 4.09 4.21
N MET A 3 22.29 2.89 3.66
CA MET A 3 22.32 1.67 4.46
C MET A 3 23.75 1.22 4.76
N GLY A 4 24.75 1.79 4.09
CA GLY A 4 26.11 1.32 4.25
C GLY A 4 26.66 1.48 5.65
N SER A 5 26.14 2.44 6.42
CA SER A 5 26.61 2.65 7.78
C SER A 5 25.93 1.75 8.80
N MET A 6 25.00 0.90 8.36
CA MET A 6 24.20 0.09 9.27
C MET A 6 24.70 -1.36 9.25
N GLU A 7 24.75 -1.97 10.43
CA GLU A 7 25.15 -3.36 10.53
C GLU A 7 24.20 -4.26 9.76
N ARG A 8 24.73 -5.36 9.25
CA ARG A 8 23.92 -6.30 8.49
C ARG A 8 22.76 -6.82 9.33
N ALA A 9 23.05 -7.24 10.57
CA ALA A 9 22.00 -7.78 11.43
C ALA A 9 20.90 -6.76 11.69
N SER A 10 21.29 -5.50 11.94
CA SER A 10 20.29 -4.46 12.17
C SER A 10 19.39 -4.29 10.95
N LEU A 11 19.96 -4.31 9.75
CA LEU A 11 19.15 -4.22 8.53
C LEU A 11 18.12 -5.34 8.46
N ILE A 12 18.51 -6.55 8.88
CA ILE A 12 17.57 -7.67 8.87
C ILE A 12 16.47 -7.45 9.89
N GLN A 13 16.83 -6.97 11.09
CA GLN A 13 15.82 -6.65 12.10
C GLN A 13 14.82 -5.64 11.57
N LYS A 14 15.31 -4.60 10.88
CA LYS A 14 14.43 -3.55 10.41
C LYS A 14 13.57 -4.00 9.24
N ALA A 15 14.09 -4.90 8.39
CA ALA A 15 13.27 -5.49 7.35
C ALA A 15 12.09 -6.25 7.95
N LYS A 16 12.34 -6.98 9.04
CA LYS A 16 11.25 -7.68 9.72
C LYS A 16 10.27 -6.71 10.34
N LEU A 17 10.77 -5.63 10.94
CA LEU A 17 9.89 -4.57 11.43
C LEU A 17 9.06 -3.98 10.30
N ALA A 18 9.72 -3.61 9.20
CA ALA A 18 9.00 -3.08 8.05
C ALA A 18 7.89 -4.02 7.59
N GLU A 19 8.16 -5.33 7.61
CA GLU A 19 7.13 -6.29 7.21
C GLU A 19 5.95 -6.25 8.17
N GLN A 20 6.22 -6.19 9.48
CA GLN A 20 5.14 -6.07 10.45
C GLN A 20 4.30 -4.83 10.20
N ALA A 21 4.94 -3.72 9.84
CA ALA A 21 4.24 -2.47 9.56
C ALA A 21 3.69 -2.41 8.16
N GLU A 22 3.80 -3.49 7.37
CA GLU A 22 3.34 -3.50 5.99
C GLU A 22 3.97 -2.35 5.20
N ARG A 23 5.26 -2.13 5.44
CA ARG A 23 6.05 -1.10 4.76
C ARG A 23 7.01 -1.82 3.82
N TYR A 24 6.46 -2.31 2.70
CA TYR A 24 7.23 -3.21 1.85
C TYR A 24 8.29 -2.49 1.02
N GLU A 25 8.07 -1.23 0.66
CA GLU A 25 9.13 -0.45 0.03
C GLU A 25 10.32 -0.28 0.98
N ASP A 26 10.04 0.08 2.24
CA ASP A 26 11.10 0.11 3.25
C ASP A 26 11.75 -1.27 3.39
N MET A 27 10.94 -2.33 3.42
CA MET A 27 11.47 -3.68 3.58
C MET A 27 12.44 -4.02 2.47
N ALA A 28 12.13 -3.63 1.24
CA ALA A 28 13.01 -3.92 0.12
C ALA A 28 14.32 -3.17 0.23
N ALA A 29 14.27 -1.92 0.72
CA ALA A 29 15.49 -1.13 0.84
C ALA A 29 16.41 -1.70 1.92
N PHE A 30 15.84 -2.20 3.02
CA PHE A 30 16.65 -2.81 4.07
C PHE A 30 17.30 -4.09 3.57
N MET A 31 16.55 -4.93 2.86
CA MET A 31 17.11 -6.17 2.34
C MET A 31 18.15 -5.90 1.27
N LYS A 32 17.90 -4.94 0.38
CA LYS A 32 18.90 -4.54 -0.60
C LYS A 32 20.20 -4.17 0.09
N GLY A 33 20.11 -3.37 1.16
CA GLY A 33 21.30 -3.03 1.93
C GLY A 33 21.96 -4.26 2.54
N ALA A 34 21.16 -5.19 3.05
CA ALA A 34 21.73 -6.40 3.64
C ALA A 34 22.46 -7.23 2.60
N VAL A 35 21.87 -7.39 1.41
CA VAL A 35 22.53 -8.12 0.33
C VAL A 35 23.85 -7.45 -0.04
N GLU A 36 23.84 -6.12 -0.16
CA GLU A 36 25.02 -5.38 -0.59
C GLU A 36 26.17 -5.48 0.42
N LYS A 37 25.94 -6.08 1.58
CA LYS A 37 27.04 -6.40 2.48
C LYS A 37 27.94 -7.50 1.93
N GLY A 38 27.53 -8.18 0.86
CA GLY A 38 28.36 -9.16 0.20
C GLY A 38 28.26 -10.57 0.75
N GLU A 39 27.59 -10.77 1.88
CA GLU A 39 27.47 -12.08 2.48
C GLU A 39 26.26 -12.82 1.92
N GLU A 40 26.37 -14.14 1.82
CA GLU A 40 25.27 -14.98 1.37
C GLU A 40 24.03 -14.73 2.22
N LEU A 41 22.86 -15.04 1.68
CA LEU A 41 21.62 -14.97 2.44
C LEU A 41 21.21 -16.36 2.89
N SER A 42 20.71 -16.45 4.13
CA SER A 42 20.11 -17.68 4.61
C SER A 42 18.76 -17.89 3.92
N CYS A 43 18.19 -19.08 4.12
CA CYS A 43 16.86 -19.36 3.60
C CYS A 43 15.85 -18.34 4.11
N GLU A 44 15.89 -18.06 5.42
CA GLU A 44 14.99 -17.05 5.99
C GLU A 44 15.18 -15.70 5.30
N GLU A 45 16.44 -15.31 5.07
CA GLU A 45 16.71 -13.99 4.51
C GLU A 45 16.36 -13.92 3.03
N ARG A 46 16.56 -15.01 2.30
CA ARG A 46 16.12 -15.07 0.91
C ARG A 46 14.64 -14.78 0.79
N ASN A 47 13.83 -15.35 1.69
CA ASN A 47 12.39 -15.16 1.60
C ASN A 47 11.98 -13.74 1.99
N LEU A 48 12.68 -13.14 2.96
CA LEU A 48 12.44 -11.73 3.27
C LEU A 48 12.66 -10.87 2.03
N LEU A 49 13.79 -11.06 1.36
CA LEU A 49 14.06 -10.33 0.12
C LEU A 49 12.93 -10.55 -0.90
N SER A 50 12.58 -11.81 -1.14
CA SER A 50 11.57 -12.12 -2.15
C SER A 50 10.20 -11.54 -1.77
N VAL A 51 9.82 -11.67 -0.49
CA VAL A 51 8.55 -11.13 -0.05
C VAL A 51 8.51 -9.62 -0.25
N ALA A 52 9.61 -8.94 0.10
CA ALA A 52 9.63 -7.48 0.03
C ALA A 52 9.36 -6.99 -1.39
N TYR A 53 10.19 -7.42 -2.35
CA TYR A 53 10.05 -6.95 -3.72
C TYR A 53 8.81 -7.52 -4.40
N LYS A 54 8.35 -8.70 -3.97
CA LYS A 54 7.11 -9.26 -4.51
C LYS A 54 5.93 -8.33 -4.24
N ASN A 55 5.85 -7.79 -3.03
CA ASN A 55 4.78 -6.86 -2.71
C ASN A 55 4.94 -5.56 -3.49
N VAL A 56 6.17 -5.07 -3.63
CA VAL A 56 6.40 -3.81 -4.33
C VAL A 56 5.98 -3.93 -5.79
N VAL A 57 6.59 -4.87 -6.52
CA VAL A 57 6.28 -5.02 -7.94
C VAL A 57 4.84 -5.49 -8.12
N GLY A 58 4.30 -6.22 -7.15
CA GLY A 58 2.93 -6.69 -7.26
C GLY A 58 1.94 -5.56 -7.35
N GLY A 59 2.08 -4.56 -6.48
CA GLY A 59 1.20 -3.40 -6.55
C GLY A 59 1.33 -2.67 -7.87
N GLN A 60 2.56 -2.56 -8.39
CA GLN A 60 2.77 -1.88 -9.67
C GLN A 60 2.14 -2.66 -10.82
N ARG A 61 2.31 -3.97 -10.83
CA ARG A 61 1.70 -4.80 -11.87
C ARG A 61 0.17 -4.66 -11.86
N ALA A 62 -0.43 -4.76 -10.67
CA ALA A 62 -1.88 -4.59 -10.57
C ALA A 62 -2.32 -3.23 -11.10
N ALA A 63 -1.54 -2.19 -10.80
CA ALA A 63 -1.89 -0.85 -11.28
C ALA A 63 -1.69 -0.73 -12.78
N TRP A 64 -0.60 -1.30 -13.30
CA TRP A 64 -0.37 -1.28 -14.74
C TRP A 64 -1.49 -1.98 -15.49
N ARG A 65 -2.00 -3.09 -14.94
CA ARG A 65 -3.08 -3.81 -15.59
C ARG A 65 -4.38 -3.01 -15.59
N VAL A 66 -4.73 -2.41 -14.45
CA VAL A 66 -5.91 -1.55 -14.38
C VAL A 66 -5.83 -0.49 -15.48
N LEU A 67 -4.70 0.22 -15.56
CA LEU A 67 -4.57 1.32 -16.51
C LEU A 67 -4.53 0.82 -17.94
N SER A 68 -3.89 -0.33 -18.17
CA SER A 68 -3.73 -0.82 -19.54
C SER A 68 -5.07 -1.23 -20.14
N SER A 69 -5.95 -1.82 -19.34
CA SER A 69 -7.28 -2.18 -19.84
C SER A 69 -8.12 -0.94 -20.10
N ILE A 70 -8.06 0.04 -19.19
CA ILE A 70 -8.71 1.33 -19.44
C ILE A 70 -8.17 1.95 -20.72
N GLU A 71 -6.88 1.76 -21.00
CA GLU A 71 -6.29 2.29 -22.23
C GLU A 71 -6.69 1.46 -23.44
N GLN A 72 -6.81 0.14 -23.28
CA GLN A 72 -7.18 -0.71 -24.40
C GLN A 72 -8.62 -0.46 -24.85
N LYS A 73 -9.48 -0.03 -23.93
CA LYS A 73 -10.86 0.32 -24.26
C LYS A 73 -10.92 1.67 -24.97
N SER A 74 -10.23 1.73 -26.11
CA SER A 74 -10.21 2.91 -26.97
C SER A 74 -10.99 2.56 -28.23
N ASN A 75 -12.21 3.06 -28.32
CA ASN A 75 -13.16 2.65 -29.36
C ASN A 75 -13.56 1.20 -29.22
N GLU A 76 -13.42 0.63 -28.03
CA GLU A 76 -13.74 -0.78 -27.79
C GLU A 76 -12.81 -1.69 -28.58
N LYS A 82 -10.52 10.57 -27.59
CA LYS A 82 -9.94 10.15 -26.32
C LYS A 82 -8.70 10.97 -26.00
N GLY A 83 -8.47 11.23 -24.71
CA GLY A 83 -7.37 12.05 -24.28
C GLY A 83 -6.15 11.23 -23.90
N PRO A 84 -5.00 11.89 -23.79
CA PRO A 84 -3.75 11.16 -23.54
C PRO A 84 -3.47 10.87 -22.07
N GLU A 85 -4.37 11.22 -21.15
CA GLU A 85 -4.06 11.10 -19.73
C GLU A 85 -3.82 9.66 -19.33
N VAL A 86 -4.63 8.72 -19.84
CA VAL A 86 -4.49 7.32 -19.46
C VAL A 86 -3.15 6.78 -19.92
N ARG A 87 -2.77 7.06 -21.17
CA ARG A 87 -1.49 6.60 -21.68
C ARG A 87 -0.34 7.15 -20.87
N GLU A 88 -0.36 8.46 -20.58
CA GLU A 88 0.74 9.10 -19.87
C GLU A 88 0.92 8.48 -18.48
N TYR A 89 -0.17 8.32 -17.73
CA TYR A 89 -0.04 7.77 -16.38
C TYR A 89 0.39 6.31 -16.41
N ARG A 90 -0.12 5.54 -17.39
CA ARG A 90 0.31 4.16 -17.55
C ARG A 90 1.81 4.07 -17.83
N GLU A 91 2.33 4.98 -18.66
CA GLU A 91 3.76 5.04 -18.89
C GLU A 91 4.53 5.32 -17.60
N LYS A 92 4.06 6.29 -16.80
CA LYS A 92 4.69 6.58 -15.53
C LYS A 92 4.80 5.34 -14.67
N VAL A 93 3.69 4.62 -14.50
CA VAL A 93 3.69 3.39 -13.71
C VAL A 93 4.64 2.38 -14.33
N GLU A 94 4.57 2.21 -15.65
CA GLU A 94 5.44 1.26 -16.36
C GLU A 94 6.91 1.53 -16.05
N THR A 95 7.37 2.77 -16.27
CA THR A 95 8.75 3.13 -15.95
C THR A 95 9.10 2.77 -14.52
N GLU A 96 8.19 3.00 -13.58
CA GLU A 96 8.46 2.71 -12.18
C GLU A 96 8.57 1.21 -11.94
N LEU A 97 7.67 0.44 -12.56
CA LEU A 97 7.75 -1.01 -12.47
C LEU A 97 9.09 -1.51 -12.99
N GLN A 98 9.51 -1.02 -14.16
CA GLN A 98 10.77 -1.43 -14.75
C GLN A 98 11.95 -1.14 -13.83
N GLY A 99 11.95 0.03 -13.18
CA GLY A 99 13.05 0.38 -12.30
C GLY A 99 13.20 -0.57 -11.13
N VAL A 100 12.09 -1.09 -10.61
CA VAL A 100 12.16 -2.05 -9.52
C VAL A 100 12.71 -3.38 -10.03
N CYS A 101 12.19 -3.85 -11.16
CA CYS A 101 12.69 -5.10 -11.75
C CYS A 101 14.19 -5.01 -12.04
N ASP A 102 14.63 -3.92 -12.66
CA ASP A 102 16.05 -3.72 -12.90
C ASP A 102 16.85 -3.78 -11.61
N THR A 103 16.33 -3.18 -10.53
CA THR A 103 17.03 -3.22 -9.25
C THR A 103 17.18 -4.66 -8.77
N VAL A 104 16.13 -5.47 -8.91
CA VAL A 104 16.19 -6.87 -8.48
C VAL A 104 17.19 -7.65 -9.33
N LEU A 105 17.08 -7.50 -10.66
CA LEU A 105 18.02 -8.17 -11.56
C LEU A 105 19.45 -7.72 -11.30
N GLY A 106 19.65 -6.44 -11.05
CA GLY A 106 20.99 -5.98 -10.69
C GLY A 106 21.52 -6.64 -9.45
N LEU A 107 20.67 -6.84 -8.44
CA LEU A 107 21.10 -7.51 -7.23
C LEU A 107 21.42 -8.98 -7.48
N LEU A 108 20.60 -9.65 -8.30
CA LEU A 108 20.83 -11.06 -8.57
C LEU A 108 22.16 -11.28 -9.29
N ASP A 109 22.42 -10.50 -10.35
CA ASP A 109 23.66 -10.67 -11.11
C ASP A 109 24.88 -10.29 -10.28
N SER A 110 24.76 -9.25 -9.45
CA SER A 110 25.93 -8.68 -8.79
C SER A 110 26.32 -9.42 -7.52
N HIS A 111 25.36 -9.98 -6.80
CA HIS A 111 25.64 -10.52 -5.48
C HIS A 111 25.12 -11.94 -5.26
N LEU A 112 23.93 -12.26 -5.77
CA LEU A 112 23.22 -13.44 -5.30
C LEU A 112 23.47 -14.68 -6.18
N ILE A 113 23.38 -14.53 -7.50
CA ILE A 113 23.55 -15.67 -8.39
C ILE A 113 25.02 -16.08 -8.39
N LYS A 114 25.29 -17.32 -7.99
CA LYS A 114 26.65 -17.81 -7.88
C LYS A 114 26.71 -19.26 -8.33
N GLU A 115 27.93 -19.70 -8.66
CA GLU A 115 28.15 -21.11 -8.97
C GLU A 115 28.20 -21.96 -7.71
N ALA A 116 28.62 -21.38 -6.59
CA ALA A 116 28.67 -22.07 -5.32
C ALA A 116 27.29 -22.12 -4.68
N GLY A 117 27.18 -22.89 -3.62
CA GLY A 117 25.97 -22.96 -2.83
C GLY A 117 25.14 -24.20 -3.15
N ASP A 118 24.18 -24.48 -2.26
CA ASP A 118 23.33 -25.64 -2.44
C ASP A 118 22.37 -25.43 -3.61
N ALA A 119 21.82 -26.53 -4.11
CA ALA A 119 20.87 -26.48 -5.21
C ALA A 119 19.57 -25.78 -4.84
N GLU A 120 19.42 -25.37 -3.59
CA GLU A 120 18.25 -24.66 -3.09
C GLU A 120 18.38 -23.16 -3.32
N SER A 121 19.49 -22.58 -2.87
CA SER A 121 19.78 -21.17 -3.14
C SER A 121 19.92 -20.92 -4.63
N ARG A 122 20.66 -21.79 -5.32
CA ARG A 122 20.90 -21.60 -6.75
C ARG A 122 19.60 -21.59 -7.55
N VAL A 123 18.68 -22.52 -7.25
CA VAL A 123 17.41 -22.54 -7.95
C VAL A 123 16.55 -21.35 -7.52
N PHE A 124 16.57 -21.02 -6.23
CA PHE A 124 15.78 -19.89 -5.74
C PHE A 124 16.10 -18.62 -6.53
N TYR A 125 17.37 -18.28 -6.64
CA TYR A 125 17.76 -17.02 -7.28
C TYR A 125 17.53 -17.06 -8.79
N LEU A 126 17.79 -18.21 -9.43
CA LEU A 126 17.58 -18.30 -10.87
C LEU A 126 16.09 -18.23 -11.22
N LYS A 127 15.24 -18.87 -10.41
CA LYS A 127 13.80 -18.67 -10.56
C LYS A 127 13.43 -17.20 -10.42
N MET A 128 13.99 -16.54 -9.41
CA MET A 128 13.72 -15.12 -9.19
C MET A 128 14.11 -14.30 -10.43
N LYS A 129 15.26 -14.60 -11.02
CA LYS A 129 15.69 -13.91 -12.23
C LYS A 129 14.69 -14.12 -13.37
N GLY A 130 14.18 -15.34 -13.53
CA GLY A 130 13.17 -15.58 -14.53
C GLY A 130 11.88 -14.83 -14.27
N ASP A 131 11.44 -14.80 -13.01
CA ASP A 131 10.20 -14.10 -12.67
C ASP A 131 10.27 -12.63 -13.04
N TYR A 132 11.38 -11.97 -12.74
CA TYR A 132 11.45 -10.52 -12.91
C TYR A 132 11.80 -10.12 -14.33
N TYR A 133 12.43 -11.00 -15.12
CA TYR A 133 12.45 -10.79 -16.56
C TYR A 133 11.06 -11.01 -17.14
N ARG A 134 10.28 -11.92 -16.57
CA ARG A 134 8.92 -12.13 -17.03
C ARG A 134 8.06 -10.88 -16.78
N TYR A 135 8.16 -10.29 -15.60
CA TYR A 135 7.43 -9.06 -15.32
C TYR A 135 7.82 -7.97 -16.31
N LEU A 136 9.12 -7.85 -16.61
CA LEU A 136 9.55 -6.90 -17.64
C LEU A 136 8.94 -7.25 -19.00
N ALA A 137 8.87 -8.54 -19.33
CA ALA A 137 8.29 -8.96 -20.60
C ALA A 137 6.82 -8.59 -20.70
N GLU A 138 6.11 -8.58 -19.57
CA GLU A 138 4.68 -8.26 -19.58
C GLU A 138 4.40 -6.87 -20.14
N VAL A 139 5.39 -5.98 -20.18
CA VAL A 139 5.17 -4.59 -20.56
C VAL A 139 6.05 -4.16 -21.73
N ALA A 140 6.97 -5.00 -22.20
CA ALA A 140 7.84 -4.64 -23.32
C ALA A 140 7.10 -4.83 -24.64
N THR A 141 7.78 -4.52 -25.76
CA THR A 141 7.11 -4.52 -27.06
C THR A 141 7.96 -5.06 -28.20
N GLY A 142 9.11 -4.45 -28.46
CA GLY A 142 9.84 -4.68 -29.70
C GLY A 142 11.03 -5.61 -29.52
N ASP A 143 12.10 -5.32 -30.29
CA ASP A 143 13.31 -6.11 -30.18
C ASP A 143 13.79 -6.23 -28.74
N ASP A 144 13.54 -5.20 -27.94
CA ASP A 144 13.84 -5.28 -26.52
C ASP A 144 13.03 -6.37 -25.84
N LYS A 145 11.82 -6.64 -26.35
CA LYS A 145 10.96 -7.65 -25.73
C LYS A 145 11.51 -9.05 -25.96
N LYS A 146 11.75 -9.42 -27.21
CA LYS A 146 12.34 -10.73 -27.50
C LYS A 146 13.62 -10.95 -26.69
N ARG A 147 14.48 -9.93 -26.66
CA ARG A 147 15.68 -9.97 -25.83
C ARG A 147 15.33 -10.26 -24.37
N ILE A 148 14.21 -9.70 -23.89
CA ILE A 148 13.80 -9.94 -22.51
C ILE A 148 13.28 -11.37 -22.34
N ILE A 149 12.42 -11.81 -23.25
CA ILE A 149 11.85 -13.15 -23.17
C ILE A 149 12.95 -14.20 -23.19
N ASP A 150 13.95 -14.02 -24.06
CA ASP A 150 15.08 -14.95 -24.08
C ASP A 150 15.76 -15.02 -22.72
N SER A 151 15.90 -13.88 -22.05
CA SER A 151 16.56 -13.86 -20.74
C SER A 151 15.73 -14.60 -19.69
N ALA A 152 14.41 -14.46 -19.74
CA ALA A 152 13.56 -15.20 -18.82
C ALA A 152 13.63 -16.70 -19.10
N ARG A 153 13.38 -17.09 -20.35
CA ARG A 153 13.48 -18.48 -20.76
C ARG A 153 14.80 -19.08 -20.28
N SER A 154 15.92 -18.45 -20.62
CA SER A 154 17.23 -18.99 -20.28
C SER A 154 17.36 -19.18 -18.77
N ALA A 155 16.89 -18.21 -17.98
CA ALA A 155 17.01 -18.31 -16.53
C ALA A 155 16.11 -19.42 -15.98
N TYR A 156 14.87 -19.47 -16.45
CA TYR A 156 13.97 -20.55 -16.01
C TYR A 156 14.54 -21.92 -16.37
N GLN A 157 15.11 -22.05 -17.57
CA GLN A 157 15.62 -23.34 -18.00
C GLN A 157 16.79 -23.80 -17.14
N GLU A 158 17.72 -22.90 -16.82
CA GLU A 158 18.85 -23.28 -15.98
C GLU A 158 18.38 -23.66 -14.58
N ALA A 159 17.43 -22.90 -14.02
CA ALA A 159 16.83 -23.30 -12.77
C ALA A 159 16.14 -24.65 -12.90
N MET A 160 15.42 -24.84 -14.01
CA MET A 160 14.75 -26.11 -14.27
C MET A 160 15.74 -27.27 -14.28
N ASP A 161 16.86 -27.11 -15.00
CA ASP A 161 17.85 -28.17 -15.09
C ASP A 161 18.39 -28.56 -13.72
N ILE A 162 18.67 -27.57 -12.87
CA ILE A 162 19.19 -27.87 -11.54
C ILE A 162 18.14 -28.60 -10.72
N SER A 163 16.88 -28.16 -10.80
CA SER A 163 15.85 -28.74 -9.94
C SER A 163 15.60 -30.20 -10.28
N LYS A 164 15.48 -30.53 -11.57
CA LYS A 164 15.18 -31.90 -11.96
C LYS A 164 16.33 -32.86 -11.69
N LYS A 165 17.54 -32.35 -11.46
CA LYS A 165 18.69 -33.19 -11.18
C LYS A 165 18.97 -33.35 -9.69
N GLU A 166 18.76 -32.30 -8.89
CA GLU A 166 19.19 -32.30 -7.50
C GLU A 166 18.06 -32.20 -6.50
N MET A 167 16.80 -32.23 -6.94
CA MET A 167 15.66 -32.08 -6.05
C MET A 167 14.60 -33.13 -6.35
N PRO A 168 13.92 -33.64 -5.33
CA PRO A 168 12.82 -34.58 -5.58
C PRO A 168 11.62 -33.88 -6.17
N PRO A 169 10.67 -34.61 -6.76
CA PRO A 169 9.53 -33.94 -7.43
C PRO A 169 8.64 -33.16 -6.48
N THR A 170 8.65 -33.45 -5.18
CA THR A 170 7.78 -32.77 -4.23
C THR A 170 8.45 -31.58 -3.56
N ASN A 171 9.72 -31.33 -3.83
CA ASN A 171 10.42 -30.19 -3.26
C ASN A 171 9.65 -28.91 -3.58
N PRO A 172 9.25 -28.11 -2.58
CA PRO A 172 8.41 -26.95 -2.88
C PRO A 172 9.05 -25.95 -3.82
N ILE A 173 10.37 -25.74 -3.73
CA ILE A 173 11.04 -24.78 -4.61
C ILE A 173 10.99 -25.28 -6.05
N ARG A 174 11.19 -26.59 -6.25
CA ARG A 174 11.05 -27.15 -7.60
C ARG A 174 9.64 -26.96 -8.13
N LEU A 175 8.63 -27.18 -7.28
CA LEU A 175 7.25 -27.02 -7.72
C LEU A 175 6.95 -25.58 -8.11
N GLY A 176 7.36 -24.62 -7.27
CA GLY A 176 7.09 -23.22 -7.56
C GLY A 176 7.77 -22.75 -8.82
N LEU A 177 8.99 -23.22 -9.07
CA LEU A 177 9.68 -22.92 -10.32
C LEU A 177 8.89 -23.44 -11.51
N ALA A 178 8.55 -24.74 -11.50
CA ALA A 178 7.75 -25.31 -12.57
C ALA A 178 6.44 -24.55 -12.72
N LEU A 179 5.79 -24.20 -11.61
CA LEU A 179 4.58 -23.40 -11.66
C LEU A 179 4.79 -22.13 -12.47
N ASN A 180 5.84 -21.36 -12.12
CA ASN A 180 6.06 -20.09 -12.79
C ASN A 180 6.53 -20.29 -14.22
N PHE A 181 7.29 -21.35 -14.48
CA PHE A 181 7.71 -21.64 -15.85
C PHE A 181 6.49 -21.93 -16.72
N SER A 182 5.53 -22.68 -16.20
CA SER A 182 4.31 -22.96 -16.95
C SER A 182 3.52 -21.68 -17.21
N VAL A 183 3.48 -20.77 -16.22
CA VAL A 183 2.88 -19.46 -16.46
C VAL A 183 3.62 -18.73 -17.57
N PHE A 184 4.95 -18.81 -17.57
CA PHE A 184 5.73 -18.19 -18.63
C PHE A 184 5.31 -18.71 -20.01
N HIS A 185 5.15 -20.02 -20.14
CA HIS A 185 4.74 -20.61 -21.42
C HIS A 185 3.38 -20.10 -21.85
N TYR A 186 2.43 -20.05 -20.92
CA TYR A 186 1.05 -19.73 -21.29
C TYR A 186 0.88 -18.25 -21.61
N GLU A 187 1.53 -17.37 -20.83
CA GLU A 187 1.25 -15.95 -20.91
C GLU A 187 2.28 -15.16 -21.72
N ILE A 188 3.55 -15.58 -21.69
CA ILE A 188 4.63 -14.84 -22.35
C ILE A 188 4.99 -15.47 -23.70
N ALA A 189 5.32 -16.77 -23.69
CA ALA A 189 5.74 -17.44 -24.92
C ALA A 189 4.58 -17.79 -25.83
N ASN A 190 3.35 -17.80 -25.33
CA ASN A 190 2.17 -18.14 -26.12
C ASN A 190 2.24 -19.60 -26.58
N SER A 191 2.51 -20.48 -25.62
CA SER A 191 2.59 -21.92 -25.87
C SER A 191 1.73 -22.63 -24.83
N PRO A 192 0.40 -22.60 -24.99
CA PRO A 192 -0.47 -23.26 -24.00
C PRO A 192 -0.24 -24.75 -23.90
N GLU A 193 0.17 -25.42 -24.98
CA GLU A 193 0.41 -26.85 -24.92
C GLU A 193 1.58 -27.17 -24.00
N GLU A 194 2.68 -26.43 -24.13
CA GLU A 194 3.82 -26.64 -23.25
C GLU A 194 3.46 -26.31 -21.81
N ALA A 195 2.77 -25.20 -21.59
CA ALA A 195 2.36 -24.80 -20.24
C ALA A 195 1.52 -25.90 -19.59
N ILE A 196 0.49 -26.38 -20.29
CA ILE A 196 -0.37 -27.41 -19.73
C ILE A 196 0.42 -28.69 -19.46
N SER A 197 1.29 -29.06 -20.39
CA SER A 197 2.06 -30.29 -20.23
C SER A 197 2.98 -30.21 -19.00
N LEU A 198 3.70 -29.09 -18.88
CA LEU A 198 4.61 -28.93 -17.74
C LEU A 198 3.85 -28.99 -16.42
N ALA A 199 2.71 -28.29 -16.34
CA ALA A 199 1.93 -28.29 -15.11
C ALA A 199 1.46 -29.69 -14.76
N LYS A 200 0.77 -30.35 -15.69
CA LYS A 200 0.30 -31.72 -15.45
C LYS A 200 1.45 -32.64 -15.06
N THR A 201 2.57 -32.56 -15.78
CA THR A 201 3.72 -33.40 -15.45
C THR A 201 4.20 -33.13 -14.04
N THR A 202 4.31 -31.85 -13.65
CA THR A 202 4.78 -31.51 -12.32
C THR A 202 3.82 -32.02 -11.25
N PHE A 203 2.52 -31.80 -11.45
CA PHE A 203 1.51 -32.24 -10.49
C PHE A 203 1.55 -33.75 -10.31
N ASP A 204 1.42 -34.49 -11.41
CA ASP A 204 1.31 -35.95 -11.31
C ASP A 204 2.56 -36.56 -10.68
N GLU A 205 3.74 -36.08 -11.07
CA GLU A 205 4.96 -36.65 -10.51
C GLU A 205 5.08 -36.37 -9.01
N ALA A 206 4.65 -35.19 -8.57
CA ALA A 206 4.64 -34.88 -7.15
C ALA A 206 3.54 -35.68 -6.43
N MET A 207 2.37 -35.79 -7.04
CA MET A 207 1.28 -36.57 -6.43
C MET A 207 1.72 -37.98 -6.08
N ALA A 208 2.50 -38.62 -6.96
CA ALA A 208 2.89 -40.01 -6.77
C ALA A 208 3.84 -40.19 -5.59
N ASP A 209 4.52 -39.14 -5.15
CA ASP A 209 5.50 -39.23 -4.07
C ASP A 209 4.99 -38.61 -2.77
N LEU A 210 3.73 -38.21 -2.70
CA LEU A 210 3.22 -37.54 -1.51
C LEU A 210 3.21 -38.45 -0.29
N HIS A 211 3.09 -39.76 -0.49
CA HIS A 211 3.01 -40.67 0.64
C HIS A 211 4.33 -40.84 1.37
N THR A 212 5.42 -40.34 0.83
CA THR A 212 6.73 -40.42 1.47
C THR A 212 7.03 -39.21 2.34
N LEU A 213 6.07 -38.29 2.49
CA LEU A 213 6.29 -37.02 3.15
C LEU A 213 5.70 -37.01 4.55
N SER A 214 6.23 -36.12 5.38
CA SER A 214 5.68 -35.86 6.70
C SER A 214 4.49 -34.92 6.58
N GLU A 215 3.89 -34.58 7.73
CA GLU A 215 2.72 -33.70 7.72
C GLU A 215 3.10 -32.28 7.31
N ASP A 216 4.32 -31.84 7.61
CA ASP A 216 4.74 -30.49 7.25
C ASP A 216 5.07 -30.38 5.77
N SER A 217 5.91 -31.28 5.26
CA SER A 217 6.20 -31.30 3.83
C SER A 217 4.92 -31.48 3.01
N TYR A 218 4.04 -32.38 3.46
CA TYR A 218 2.77 -32.58 2.77
C TYR A 218 1.98 -31.28 2.65
N LYS A 219 2.09 -30.41 3.65
CA LYS A 219 1.39 -29.12 3.60
C LYS A 219 2.02 -28.20 2.57
N ASP A 220 3.35 -28.12 2.53
CA ASP A 220 4.02 -27.22 1.61
C ASP A 220 3.78 -27.63 0.16
N SER A 221 3.92 -28.92 -0.13
CA SER A 221 3.83 -29.38 -1.52
C SER A 221 2.41 -29.21 -2.06
N THR A 222 1.41 -29.71 -1.34
CA THR A 222 0.04 -29.63 -1.82
C THR A 222 -0.40 -28.19 -2.05
N LEU A 223 0.10 -27.26 -1.24
CA LEU A 223 -0.26 -25.86 -1.42
C LEU A 223 0.05 -25.40 -2.84
N ILE A 224 1.26 -25.66 -3.32
CA ILE A 224 1.64 -25.26 -4.66
C ILE A 224 0.95 -26.13 -5.71
N MET A 225 0.80 -27.43 -5.42
CA MET A 225 0.11 -28.32 -6.36
C MET A 225 -1.31 -27.84 -6.64
N GLN A 226 -1.99 -27.29 -5.63
CA GLN A 226 -3.33 -26.78 -5.88
C GLN A 226 -3.32 -25.60 -6.84
N LEU A 227 -2.24 -24.81 -6.83
CA LEU A 227 -2.10 -23.74 -7.80
C LEU A 227 -1.91 -24.30 -9.21
N LEU A 228 -1.14 -25.38 -9.33
CA LEU A 228 -1.04 -26.07 -10.62
C LEU A 228 -2.40 -26.59 -11.05
N ARG A 229 -3.16 -27.17 -10.11
CA ARG A 229 -4.51 -27.63 -10.42
C ARG A 229 -5.38 -26.49 -10.92
N ASP A 230 -5.35 -25.35 -10.22
CA ASP A 230 -6.18 -24.21 -10.62
C ASP A 230 -5.83 -23.74 -12.02
N ASN A 231 -4.52 -23.61 -12.31
CA ASN A 231 -4.11 -23.17 -13.64
C ASN A 231 -4.55 -24.16 -14.72
N LEU A 232 -4.41 -25.46 -14.44
CA LEU A 232 -4.80 -26.47 -15.42
C LEU A 232 -6.28 -26.36 -15.76
N THR A 233 -7.14 -26.41 -14.74
CA THR A 233 -8.58 -26.34 -14.97
C THR A 233 -8.96 -25.08 -15.73
N LEU A 234 -8.19 -24.01 -15.59
CA LEU A 234 -8.47 -22.78 -16.32
C LEU A 234 -7.96 -22.86 -17.75
N TRP A 235 -6.76 -23.43 -17.94
CA TRP A 235 -6.14 -23.41 -19.26
C TRP A 235 -6.84 -24.35 -20.22
N THR A 236 -7.29 -25.51 -19.75
CA THR A 236 -7.93 -26.49 -20.61
C THR A 236 -9.41 -26.15 -20.82
N ALA B 2 1.65 15.45 -12.10
CA ALA B 2 1.69 15.96 -10.71
C ALA B 2 2.44 17.30 -10.63
N MET B 3 2.67 17.91 -11.79
CA MET B 3 3.52 19.08 -11.91
C MET B 3 2.73 20.26 -12.46
N GLY B 4 3.43 21.39 -12.63
CA GLY B 4 2.84 22.62 -13.09
C GLY B 4 2.76 22.78 -14.59
N SER B 5 3.25 21.82 -15.36
CA SER B 5 3.11 21.84 -16.81
C SER B 5 1.87 21.09 -17.27
N MET B 6 1.09 20.55 -16.35
CA MET B 6 -0.08 19.74 -16.67
C MET B 6 -1.35 20.55 -16.40
N GLU B 7 -2.27 20.54 -17.38
CA GLU B 7 -3.54 21.22 -17.20
C GLU B 7 -4.23 20.73 -15.94
N ARG B 8 -4.99 21.63 -15.31
CA ARG B 8 -5.71 21.27 -14.09
C ARG B 8 -6.68 20.13 -14.33
N ALA B 9 -7.40 20.16 -15.46
CA ALA B 9 -8.38 19.12 -15.74
C ALA B 9 -7.73 17.77 -15.96
N SER B 10 -6.51 17.75 -16.50
CA SER B 10 -5.81 16.50 -16.71
C SER B 10 -5.32 15.92 -15.38
N LEU B 11 -4.98 16.78 -14.42
CA LEU B 11 -4.57 16.30 -13.10
C LEU B 11 -5.75 15.64 -12.37
N ILE B 12 -6.95 16.21 -12.50
CA ILE B 12 -8.12 15.59 -11.91
C ILE B 12 -8.36 14.22 -12.54
N GLN B 13 -8.24 14.13 -13.86
CA GLN B 13 -8.41 12.83 -14.53
C GLN B 13 -7.44 11.80 -13.96
N LYS B 14 -6.17 12.17 -13.83
CA LYS B 14 -5.16 11.22 -13.38
C LYS B 14 -5.32 10.89 -11.90
N ALA B 15 -5.82 11.84 -11.10
CA ALA B 15 -6.15 11.54 -9.71
C ALA B 15 -7.19 10.43 -9.63
N LYS B 16 -8.20 10.47 -10.51
CA LYS B 16 -9.23 9.43 -10.51
C LYS B 16 -8.65 8.10 -10.98
N LEU B 17 -7.76 8.13 -11.97
CA LEU B 17 -7.07 6.91 -12.39
C LEU B 17 -6.24 6.34 -11.25
N ALA B 18 -5.46 7.19 -10.58
CA ALA B 18 -4.65 6.72 -9.45
C ALA B 18 -5.53 6.09 -8.37
N GLU B 19 -6.71 6.64 -8.14
CA GLU B 19 -7.62 6.05 -7.17
C GLU B 19 -8.07 4.66 -7.60
N GLN B 20 -8.39 4.49 -8.89
CA GLN B 20 -8.78 3.17 -9.39
C GLN B 20 -7.66 2.16 -9.18
N ALA B 21 -6.42 2.57 -9.41
CA ALA B 21 -5.27 1.69 -9.27
C ALA B 21 -4.75 1.60 -7.84
N GLU B 22 -5.42 2.26 -6.89
CA GLU B 22 -5.00 2.24 -5.49
C GLU B 22 -3.56 2.75 -5.35
N ARG B 23 -3.23 3.76 -6.14
CA ARG B 23 -1.93 4.43 -6.09
C ARG B 23 -2.14 5.79 -5.42
N TYR B 24 -2.26 5.76 -4.08
CA TYR B 24 -2.71 6.95 -3.36
C TYR B 24 -1.61 8.00 -3.20
N GLU B 25 -0.35 7.59 -3.17
CA GLU B 25 0.74 8.57 -3.22
C GLU B 25 0.67 9.37 -4.53
N ASP B 26 0.56 8.67 -5.66
CA ASP B 26 0.32 9.35 -6.93
C ASP B 26 -0.91 10.23 -6.87
N MET B 27 -2.01 9.69 -6.32
CA MET B 27 -3.26 10.42 -6.25
C MET B 27 -3.08 11.74 -5.50
N ALA B 28 -2.46 11.68 -4.32
CA ALA B 28 -2.21 12.90 -3.55
C ALA B 28 -1.37 13.89 -4.35
N ALA B 29 -0.33 13.40 -5.03
CA ALA B 29 0.52 14.29 -5.82
C ALA B 29 -0.26 14.95 -6.94
N PHE B 30 -1.18 14.22 -7.56
CA PHE B 30 -2.00 14.82 -8.61
C PHE B 30 -2.92 15.89 -8.03
N MET B 31 -3.52 15.64 -6.86
CA MET B 31 -4.44 16.61 -6.29
C MET B 31 -3.69 17.83 -5.73
N LYS B 32 -2.51 17.60 -5.17
CA LYS B 32 -1.67 18.73 -4.77
C LYS B 32 -1.39 19.64 -5.96
N GLY B 33 -1.05 19.05 -7.10
CA GLY B 33 -0.83 19.84 -8.30
C GLY B 33 -2.07 20.60 -8.74
N ALA B 34 -3.26 20.01 -8.55
CA ALA B 34 -4.49 20.68 -8.92
C ALA B 34 -4.75 21.87 -8.00
N VAL B 35 -4.64 21.66 -6.68
CA VAL B 35 -4.82 22.75 -5.72
C VAL B 35 -3.91 23.92 -6.07
N GLU B 36 -2.64 23.62 -6.39
CA GLU B 36 -1.65 24.65 -6.63
C GLU B 36 -1.97 25.47 -7.89
N LYS B 37 -3.00 25.08 -8.64
CA LYS B 37 -3.45 25.89 -9.75
C LYS B 37 -4.20 27.15 -9.31
N GLY B 38 -4.48 27.28 -8.01
CA GLY B 38 -5.10 28.46 -7.46
C GLY B 38 -6.61 28.46 -7.45
N GLU B 39 -7.26 27.64 -8.28
CA GLU B 39 -8.70 27.63 -8.37
C GLU B 39 -9.31 26.86 -7.19
N GLU B 40 -10.60 27.11 -6.96
CA GLU B 40 -11.31 26.41 -5.90
C GLU B 40 -11.58 24.96 -6.30
N LEU B 41 -11.70 24.10 -5.29
CA LEU B 41 -12.07 22.71 -5.51
C LEU B 41 -13.58 22.55 -5.37
N SER B 42 -14.19 21.83 -6.31
CA SER B 42 -15.58 21.44 -6.16
C SER B 42 -15.70 20.43 -5.02
N CYS B 43 -16.94 20.07 -4.70
CA CYS B 43 -17.17 19.09 -3.64
C CYS B 43 -16.52 17.75 -3.98
N GLU B 44 -16.70 17.28 -5.21
CA GLU B 44 -16.08 16.03 -5.62
C GLU B 44 -14.57 16.11 -5.55
N GLU B 45 -14.00 17.24 -5.94
CA GLU B 45 -12.55 17.37 -5.95
C GLU B 45 -12.00 17.47 -4.53
N ARG B 46 -12.75 18.09 -3.62
CA ARG B 46 -12.34 18.12 -2.22
C ARG B 46 -12.20 16.72 -1.65
N ASN B 47 -13.10 15.82 -2.03
CA ASN B 47 -13.07 14.46 -1.49
C ASN B 47 -11.92 13.66 -2.08
N LEU B 48 -11.62 13.86 -3.38
CA LEU B 48 -10.43 13.25 -3.96
C LEU B 48 -9.18 13.65 -3.18
N LEU B 49 -9.05 14.93 -2.86
CA LEU B 49 -7.94 15.40 -2.03
C LEU B 49 -7.93 14.69 -0.68
N SER B 50 -9.10 14.60 -0.03
CA SER B 50 -9.17 14.00 1.30
C SER B 50 -8.84 12.51 1.26
N VAL B 51 -9.47 11.78 0.33
CA VAL B 51 -9.21 10.35 0.22
C VAL B 51 -7.73 10.08 -0.02
N ALA B 52 -7.14 10.82 -0.96
CA ALA B 52 -5.73 10.60 -1.31
C ALA B 52 -4.84 10.68 -0.08
N TYR B 53 -4.89 11.80 0.65
CA TYR B 53 -4.01 11.97 1.80
C TYR B 53 -4.46 11.13 2.98
N LYS B 54 -5.76 10.87 3.11
CA LYS B 54 -6.22 9.98 4.18
C LYS B 54 -5.56 8.62 4.08
N ASN B 55 -5.43 8.08 2.86
CA ASN B 55 -4.79 6.78 2.70
C ASN B 55 -3.29 6.86 2.95
N VAL B 56 -2.63 7.90 2.42
CA VAL B 56 -1.19 8.03 2.61
C VAL B 56 -0.86 8.12 4.09
N VAL B 57 -1.43 9.11 4.79
CA VAL B 57 -1.13 9.28 6.20
C VAL B 57 -1.66 8.10 7.00
N GLY B 58 -2.76 7.50 6.56
CA GLY B 58 -3.33 6.38 7.28
C GLY B 58 -2.39 5.19 7.35
N GLY B 59 -1.68 4.91 6.25
CA GLY B 59 -0.69 3.85 6.27
C GLY B 59 0.49 4.17 7.16
N GLN B 60 0.89 5.45 7.20
CA GLN B 60 2.00 5.84 8.05
C GLN B 60 1.62 5.79 9.52
N ARG B 61 0.39 6.22 9.85
CA ARG B 61 -0.07 6.16 11.23
C ARG B 61 -0.14 4.71 11.71
N ALA B 62 -0.68 3.81 10.88
CA ALA B 62 -0.74 2.41 11.26
C ALA B 62 0.66 1.85 11.49
N ALA B 63 1.60 2.18 10.60
CA ALA B 63 2.98 1.74 10.79
C ALA B 63 3.58 2.34 12.06
N TRP B 64 3.34 3.63 12.30
CA TRP B 64 3.87 4.27 13.50
C TRP B 64 3.34 3.60 14.77
N ARG B 65 2.04 3.31 14.81
CA ARG B 65 1.46 2.64 15.97
C ARG B 65 2.09 1.27 16.20
N VAL B 66 2.29 0.50 15.13
CA VAL B 66 2.89 -0.83 15.26
C VAL B 66 4.27 -0.74 15.88
N LEU B 67 5.10 0.18 15.37
CA LEU B 67 6.47 0.28 15.85
C LEU B 67 6.52 0.89 17.25
N SER B 68 5.62 1.83 17.53
CA SER B 68 5.63 2.50 18.83
C SER B 68 5.23 1.54 19.95
N SER B 69 4.35 0.58 19.66
CA SER B 69 3.98 -0.42 20.68
C SER B 69 5.15 -1.36 20.96
N ILE B 70 5.85 -1.80 19.90
CA ILE B 70 7.02 -2.64 20.11
C ILE B 70 8.06 -1.89 20.95
N GLU B 71 8.18 -0.58 20.74
CA GLU B 71 9.16 0.20 21.48
C GLU B 71 8.79 0.31 22.95
N GLN B 72 7.50 0.48 23.24
CA GLN B 72 7.06 0.59 24.63
C GLN B 72 7.01 -0.77 25.32
N LYS B 73 6.63 -1.81 24.59
CA LYS B 73 6.63 -3.16 25.16
C LYS B 73 8.05 -3.57 25.54
N SER B 74 9.01 -3.35 24.64
CA SER B 74 10.41 -3.59 24.97
C SER B 74 10.94 -2.58 25.98
N ASN B 75 10.24 -1.46 26.18
CA ASN B 75 10.65 -0.51 27.20
C ASN B 75 10.51 -1.09 28.60
N GLU B 76 9.61 -2.06 28.77
CA GLU B 76 9.45 -2.73 30.06
C GLU B 76 10.15 -4.08 30.03
N LYS B 82 17.37 -2.59 25.22
CA LYS B 82 17.57 -3.49 24.09
C LYS B 82 18.26 -2.76 22.94
N GLY B 83 18.16 -3.32 21.74
CA GLY B 83 18.75 -2.73 20.56
C GLY B 83 17.99 -1.51 20.10
N PRO B 84 18.68 -0.58 19.45
CA PRO B 84 18.04 0.67 19.00
C PRO B 84 17.31 0.57 17.67
N GLU B 85 17.17 -0.63 17.11
CA GLU B 85 16.61 -0.76 15.77
C GLU B 85 15.16 -0.28 15.72
N VAL B 86 14.36 -0.60 16.74
CA VAL B 86 12.95 -0.22 16.74
C VAL B 86 12.83 1.30 16.80
N ARG B 87 13.47 1.93 17.79
CA ARG B 87 13.42 3.38 17.91
C ARG B 87 13.91 4.06 16.63
N GLU B 88 15.06 3.59 16.11
CA GLU B 88 15.62 4.20 14.91
C GLU B 88 14.63 4.18 13.75
N TYR B 89 13.99 3.03 13.52
CA TYR B 89 13.04 2.92 12.41
C TYR B 89 11.76 3.67 12.70
N ARG B 90 11.28 3.60 13.94
CA ARG B 90 10.09 4.38 14.32
C ARG B 90 10.33 5.87 14.09
N GLU B 91 11.55 6.34 14.33
CA GLU B 91 11.86 7.74 14.08
C GLU B 91 11.79 8.06 12.58
N LYS B 92 12.22 7.12 11.74
CA LYS B 92 12.16 7.34 10.29
C LYS B 92 10.72 7.42 9.80
N VAL B 93 9.85 6.52 10.27
CA VAL B 93 8.43 6.58 9.89
C VAL B 93 7.82 7.88 10.39
N GLU B 94 8.12 8.23 11.65
CA GLU B 94 7.58 9.46 12.23
C GLU B 94 7.91 10.67 11.37
N THR B 95 9.18 10.84 10.99
CA THR B 95 9.58 11.96 10.15
C THR B 95 8.81 11.97 8.84
N GLU B 96 8.62 10.81 8.22
CA GLU B 96 7.87 10.72 6.98
C GLU B 96 6.42 11.16 7.18
N LEU B 97 5.81 10.71 8.27
CA LEU B 97 4.44 11.10 8.58
C LEU B 97 4.34 12.62 8.75
N GLN B 98 5.27 13.20 9.51
CA GLN B 98 5.23 14.65 9.74
C GLN B 98 5.35 15.41 8.42
N GLY B 99 6.19 14.93 7.50
CA GLY B 99 6.34 15.60 6.22
C GLY B 99 5.05 15.64 5.42
N VAL B 100 4.23 14.59 5.52
CA VAL B 100 2.96 14.56 4.81
C VAL B 100 1.97 15.53 5.45
N CYS B 101 1.88 15.48 6.79
CA CYS B 101 1.00 16.40 7.50
C CYS B 101 1.34 17.85 7.18
N ASP B 102 2.63 18.19 7.21
CA ASP B 102 3.06 19.55 6.87
C ASP B 102 2.61 19.94 5.47
N THR B 103 2.79 19.03 4.50
CA THR B 103 2.34 19.30 3.15
C THR B 103 0.86 19.63 3.12
N VAL B 104 0.04 18.83 3.79
CA VAL B 104 -1.40 19.06 3.81
C VAL B 104 -1.71 20.42 4.43
N LEU B 105 -1.22 20.66 5.64
CA LEU B 105 -1.45 21.93 6.31
C LEU B 105 -1.00 23.11 5.46
N GLY B 106 0.13 22.95 4.75
CA GLY B 106 0.59 24.01 3.88
C GLY B 106 -0.40 24.34 2.78
N LEU B 107 -0.94 23.31 2.11
CA LEU B 107 -1.94 23.53 1.07
C LEU B 107 -3.18 24.21 1.64
N LEU B 108 -3.62 23.78 2.82
CA LEU B 108 -4.80 24.38 3.44
C LEU B 108 -4.59 25.88 3.68
N ASP B 109 -3.49 26.23 4.34
CA ASP B 109 -3.21 27.64 4.64
CA ASP B 109 -3.21 27.64 4.64
C ASP B 109 -2.92 28.42 3.36
N SER B 110 -2.28 27.79 2.38
CA SER B 110 -1.85 28.51 1.18
C SER B 110 -2.97 28.71 0.16
N HIS B 111 -3.93 27.79 0.08
CA HIS B 111 -4.84 27.79 -1.05
C HIS B 111 -6.31 27.58 -0.69
N LEU B 112 -6.59 26.70 0.27
CA LEU B 112 -7.95 26.18 0.44
C LEU B 112 -8.76 26.91 1.49
N ILE B 113 -8.15 27.29 2.61
CA ILE B 113 -8.88 27.99 3.67
C ILE B 113 -9.06 29.44 3.24
N LYS B 114 -10.29 29.80 2.90
CA LYS B 114 -10.62 31.14 2.42
C LYS B 114 -11.51 31.84 3.43
N GLU B 115 -11.46 33.18 3.43
CA GLU B 115 -12.25 33.96 4.37
C GLU B 115 -13.74 33.67 4.21
N ALA B 116 -14.22 33.58 2.97
CA ALA B 116 -15.65 33.36 2.71
C ALA B 116 -15.81 32.47 1.49
N GLY B 117 -16.30 31.26 1.71
CA GLY B 117 -16.87 30.41 0.71
C GLY B 117 -18.25 29.97 1.15
N ASP B 118 -18.69 28.83 0.65
CA ASP B 118 -19.91 28.25 1.17
C ASP B 118 -19.59 27.48 2.45
N ALA B 119 -20.62 27.33 3.29
CA ALA B 119 -20.40 26.76 4.62
C ALA B 119 -19.89 25.34 4.53
N GLU B 120 -20.44 24.55 3.60
CA GLU B 120 -19.99 23.19 3.37
C GLU B 120 -18.47 23.14 3.23
N SER B 121 -17.91 24.00 2.38
CA SER B 121 -16.48 23.95 2.08
C SER B 121 -15.64 24.57 3.18
N ARG B 122 -16.11 25.66 3.79
CA ARG B 122 -15.36 26.28 4.88
C ARG B 122 -15.18 25.31 6.04
N VAL B 123 -16.24 24.58 6.39
CA VAL B 123 -16.14 23.58 7.45
C VAL B 123 -15.21 22.44 7.02
N PHE B 124 -15.32 22.01 5.76
CA PHE B 124 -14.53 20.89 5.28
C PHE B 124 -13.05 21.13 5.49
N TYR B 125 -12.55 22.31 5.10
CA TYR B 125 -11.12 22.57 5.16
C TYR B 125 -10.64 22.81 6.58
N LEU B 126 -11.46 23.44 7.42
CA LEU B 126 -11.07 23.68 8.80
C LEU B 126 -11.04 22.38 9.60
N LYS B 127 -11.99 21.48 9.33
CA LYS B 127 -11.93 20.14 9.92
C LYS B 127 -10.64 19.43 9.50
N MET B 128 -10.31 19.49 8.22
CA MET B 128 -9.08 18.89 7.72
C MET B 128 -7.87 19.46 8.44
N LYS B 129 -7.85 20.77 8.67
CA LYS B 129 -6.75 21.38 9.42
C LYS B 129 -6.65 20.78 10.82
N GLY B 130 -7.80 20.62 11.50
CA GLY B 130 -7.78 20.03 12.83
C GLY B 130 -7.27 18.59 12.82
N ASP B 131 -7.76 17.79 11.86
CA ASP B 131 -7.33 16.39 11.77
C ASP B 131 -5.82 16.27 11.65
N TYR B 132 -5.22 17.03 10.73
CA TYR B 132 -3.81 16.84 10.43
C TYR B 132 -2.91 17.49 11.47
N TYR B 133 -3.42 18.50 12.19
CA TYR B 133 -2.73 18.91 13.41
C TYR B 133 -2.86 17.84 14.48
N ARG B 134 -4.01 17.17 14.55
CA ARG B 134 -4.19 16.08 15.50
C ARG B 134 -3.24 14.93 15.20
N TYR B 135 -3.04 14.60 13.92
CA TYR B 135 -2.09 13.56 13.58
C TYR B 135 -0.68 13.93 14.03
N LEU B 136 -0.31 15.21 13.89
CA LEU B 136 0.98 15.66 14.40
C LEU B 136 1.05 15.53 15.91
N ALA B 137 -0.05 15.83 16.60
CA ALA B 137 -0.05 15.74 18.06
C ALA B 137 0.13 14.30 18.53
N GLU B 138 -0.32 13.33 17.74
CA GLU B 138 -0.16 11.93 18.12
C GLU B 138 1.30 11.54 18.29
N VAL B 139 2.21 12.24 17.59
CA VAL B 139 3.62 11.88 17.60
C VAL B 139 4.50 12.94 18.24
N ALA B 140 3.98 14.13 18.54
CA ALA B 140 4.76 15.18 19.18
C ALA B 140 4.94 14.87 20.67
N THR B 141 5.79 15.65 21.33
CA THR B 141 6.20 15.32 22.69
C THR B 141 6.19 16.51 23.66
N GLY B 142 6.87 17.61 23.32
CA GLY B 142 7.13 18.65 24.29
C GLY B 142 6.33 19.92 24.11
N ASP B 143 6.98 21.07 24.31
CA ASP B 143 6.31 22.35 24.06
C ASP B 143 5.81 22.43 22.63
N ASP B 144 6.48 21.75 21.70
CA ASP B 144 6.00 21.69 20.33
C ASP B 144 4.65 21.00 20.25
N LYS B 145 4.37 20.07 21.16
CA LYS B 145 3.07 19.41 21.19
C LYS B 145 1.98 20.36 21.67
N LYS B 146 2.26 21.14 22.71
CA LYS B 146 1.29 22.11 23.21
C LYS B 146 0.83 23.05 22.11
N ARG B 147 1.76 23.54 21.29
CA ARG B 147 1.40 24.43 20.20
C ARG B 147 0.54 23.71 19.15
N ILE B 148 0.89 22.46 18.83
CA ILE B 148 0.11 21.70 17.85
C ILE B 148 -1.31 21.50 18.34
N ILE B 149 -1.47 21.05 19.59
CA ILE B 149 -2.79 20.81 20.15
C ILE B 149 -3.64 22.08 20.07
N ASP B 150 -3.07 23.22 20.48
CA ASP B 150 -3.82 24.46 20.43
C ASP B 150 -4.20 24.83 19.00
N SER B 151 -3.34 24.52 18.03
CA SER B 151 -3.68 24.79 16.63
C SER B 151 -4.80 23.87 16.16
N ALA B 152 -4.82 22.62 16.64
CA ALA B 152 -5.91 21.71 16.31
C ALA B 152 -7.22 22.21 16.90
N ARG B 153 -7.20 22.58 18.18
CA ARG B 153 -8.40 23.04 18.86
C ARG B 153 -9.03 24.24 18.14
N SER B 154 -8.20 25.23 17.78
CA SER B 154 -8.73 26.43 17.14
C SER B 154 -9.36 26.08 15.79
N ALA B 155 -8.73 25.20 15.03
CA ALA B 155 -9.30 24.77 13.75
C ALA B 155 -10.62 24.04 13.97
N TYR B 156 -10.62 23.03 14.84
CA TYR B 156 -11.85 22.31 15.15
C TYR B 156 -12.93 23.26 15.65
N GLN B 157 -12.57 24.15 16.59
CA GLN B 157 -13.57 25.03 17.19
C GLN B 157 -14.19 25.97 16.15
N GLU B 158 -13.37 26.56 15.30
CA GLU B 158 -13.91 27.45 14.27
C GLU B 158 -14.80 26.68 13.31
N ALA B 159 -14.38 25.47 12.93
CA ALA B 159 -15.24 24.64 12.10
C ALA B 159 -16.54 24.32 12.82
N MET B 160 -16.46 23.99 14.12
CA MET B 160 -17.65 23.70 14.90
C MET B 160 -18.60 24.89 14.92
N ASP B 161 -18.08 26.08 15.23
CA ASP B 161 -18.92 27.28 15.29
C ASP B 161 -19.69 27.48 13.98
N ILE B 162 -19.00 27.32 12.85
CA ILE B 162 -19.67 27.47 11.56
C ILE B 162 -20.75 26.40 11.39
N SER B 163 -20.44 25.15 11.74
CA SER B 163 -21.37 24.06 11.49
C SER B 163 -22.65 24.21 12.31
N LYS B 164 -22.53 24.66 13.56
CA LYS B 164 -23.70 24.84 14.40
C LYS B 164 -24.55 26.03 13.99
N LYS B 165 -23.97 27.01 13.29
CA LYS B 165 -24.72 28.18 12.87
C LYS B 165 -25.35 28.02 11.48
N GLU B 166 -24.75 27.19 10.62
CA GLU B 166 -25.17 27.11 9.22
C GLU B 166 -25.60 25.71 8.78
N MET B 167 -25.41 24.68 9.58
CA MET B 167 -25.73 23.33 9.16
C MET B 167 -26.73 22.68 10.13
N PRO B 168 -27.69 21.89 9.61
CA PRO B 168 -28.59 21.16 10.51
C PRO B 168 -27.86 20.04 11.22
N PRO B 169 -28.45 19.51 12.30
CA PRO B 169 -27.71 18.53 13.12
C PRO B 169 -27.44 17.21 12.42
N THR B 170 -28.18 16.87 11.36
CA THR B 170 -27.97 15.63 10.63
C THR B 170 -27.04 15.78 9.44
N ASN B 171 -26.51 16.98 9.20
CA ASN B 171 -25.64 17.20 8.05
C ASN B 171 -24.39 16.32 8.19
N PRO B 172 -24.07 15.48 7.21
CA PRO B 172 -22.95 14.53 7.40
C PRO B 172 -21.61 15.21 7.70
N ILE B 173 -21.40 16.42 7.18
CA ILE B 173 -20.13 17.11 7.42
C ILE B 173 -20.08 17.66 8.84
N ARG B 174 -21.19 18.20 9.33
CA ARG B 174 -21.26 18.59 10.73
C ARG B 174 -21.08 17.38 11.63
N LEU B 175 -21.73 16.26 11.30
CA LEU B 175 -21.57 15.04 12.11
C LEU B 175 -20.12 14.59 12.10
N GLY B 176 -19.51 14.49 10.92
CA GLY B 176 -18.13 14.05 10.85
C GLY B 176 -17.19 14.94 11.63
N LEU B 177 -17.46 16.24 11.64
CA LEU B 177 -16.64 17.17 12.42
C LEU B 177 -16.75 16.87 13.91
N ALA B 178 -17.98 16.84 14.44
CA ALA B 178 -18.19 16.54 15.85
C ALA B 178 -17.53 15.23 16.24
N LEU B 179 -17.64 14.21 15.38
CA LEU B 179 -16.99 12.93 15.64
C LEU B 179 -15.49 13.10 15.86
N ASN B 180 -14.79 13.66 14.86
CA ASN B 180 -13.35 13.82 14.97
C ASN B 180 -12.98 14.73 16.13
N PHE B 181 -13.80 15.75 16.39
CA PHE B 181 -13.54 16.63 17.53
C PHE B 181 -13.66 15.87 18.84
N SER B 182 -14.66 15.01 18.96
CA SER B 182 -14.77 14.17 20.17
C SER B 182 -13.55 13.27 20.31
N VAL B 183 -13.05 12.72 19.20
CA VAL B 183 -11.83 11.93 19.25
C VAL B 183 -10.67 12.79 19.74
N PHE B 184 -10.59 14.04 19.27
CA PHE B 184 -9.54 14.94 19.74
C PHE B 184 -9.59 15.07 21.26
N HIS B 185 -10.78 15.31 21.82
CA HIS B 185 -10.91 15.44 23.26
C HIS B 185 -10.41 14.19 23.97
N TYR B 186 -10.82 13.01 23.50
CA TYR B 186 -10.51 11.78 24.21
C TYR B 186 -9.02 11.45 24.14
N GLU B 187 -8.46 11.43 22.93
CA GLU B 187 -7.12 10.87 22.74
C GLU B 187 -6.01 11.90 22.78
N ILE B 188 -6.29 13.18 22.50
CA ILE B 188 -5.28 14.23 22.47
C ILE B 188 -5.37 15.11 23.72
N ALA B 189 -6.52 15.75 23.95
CA ALA B 189 -6.69 16.66 25.07
C ALA B 189 -6.83 15.95 26.41
N ASN B 190 -6.99 14.63 26.40
CA ASN B 190 -7.12 13.85 27.62
C ASN B 190 -8.25 14.38 28.50
N SER B 191 -9.38 14.65 27.86
CA SER B 191 -10.59 15.11 28.54
C SER B 191 -11.73 14.16 28.17
N PRO B 192 -11.77 12.98 28.79
CA PRO B 192 -12.79 11.98 28.41
C PRO B 192 -14.22 12.44 28.65
N GLU B 193 -14.44 13.40 29.56
CA GLU B 193 -15.80 13.87 29.81
C GLU B 193 -16.31 14.72 28.67
N GLU B 194 -15.46 15.60 28.12
CA GLU B 194 -15.86 16.41 26.98
C GLU B 194 -16.16 15.53 25.77
N ALA B 195 -15.36 14.49 25.56
CA ALA B 195 -15.55 13.65 24.39
C ALA B 195 -16.87 12.89 24.46
N ILE B 196 -17.15 12.26 25.60
CA ILE B 196 -18.40 11.52 25.77
C ILE B 196 -19.58 12.48 25.61
N SER B 197 -19.53 13.62 26.30
CA SER B 197 -20.61 14.60 26.20
C SER B 197 -20.84 15.02 24.75
N LEU B 198 -19.76 15.39 24.05
CA LEU B 198 -19.89 15.85 22.67
C LEU B 198 -20.49 14.76 21.79
N ALA B 199 -19.98 13.53 21.91
CA ALA B 199 -20.48 12.44 21.07
C ALA B 199 -21.95 12.17 21.35
N LYS B 200 -22.32 12.03 22.63
CA LYS B 200 -23.72 11.79 22.99
C LYS B 200 -24.63 12.92 22.50
N THR B 201 -24.24 14.17 22.77
CA THR B 201 -25.06 15.29 22.31
C THR B 201 -25.20 15.28 20.79
N THR B 202 -24.11 15.01 20.07
CA THR B 202 -24.18 14.99 18.61
C THR B 202 -25.10 13.88 18.13
N PHE B 203 -25.06 12.72 18.77
CA PHE B 203 -25.91 11.62 18.36
C PHE B 203 -27.37 11.91 18.64
N ASP B 204 -27.68 12.40 19.84
CA ASP B 204 -29.07 12.61 20.23
C ASP B 204 -29.74 13.66 19.32
N GLU B 205 -29.04 14.76 19.06
CA GLU B 205 -29.64 15.81 18.24
C GLU B 205 -29.81 15.37 16.79
N ALA B 206 -28.98 14.43 16.33
CA ALA B 206 -29.20 13.84 15.00
C ALA B 206 -30.38 12.87 15.03
N MET B 207 -30.43 12.01 16.04
CA MET B 207 -31.54 11.06 16.16
C MET B 207 -32.88 11.76 16.23
N ALA B 208 -32.96 12.88 16.94
CA ALA B 208 -34.21 13.62 17.07
C ALA B 208 -34.70 14.16 15.73
N ASP B 209 -33.82 14.34 14.75
CA ASP B 209 -34.17 14.89 13.45
C ASP B 209 -34.16 13.85 12.34
N LEU B 210 -33.83 12.60 12.65
CA LEU B 210 -33.56 11.63 11.59
C LEU B 210 -34.73 11.47 10.63
N HIS B 211 -35.96 11.64 11.12
CA HIS B 211 -37.12 11.50 10.25
C HIS B 211 -37.15 12.55 9.14
N THR B 212 -36.42 13.65 9.30
CA THR B 212 -36.42 14.72 8.31
C THR B 212 -35.43 14.47 7.17
N LEU B 213 -34.88 13.27 7.06
CA LEU B 213 -33.88 12.97 6.05
C LEU B 213 -34.49 12.18 4.90
N SER B 214 -33.97 12.42 3.70
CA SER B 214 -34.39 11.69 2.51
C SER B 214 -33.86 10.26 2.56
N GLU B 215 -34.32 9.45 1.63
CA GLU B 215 -33.89 8.05 1.57
C GLU B 215 -32.44 7.92 1.14
N ASP B 216 -31.90 8.91 0.42
CA ASP B 216 -30.52 8.83 -0.06
C ASP B 216 -29.52 9.25 1.01
N SER B 217 -29.67 10.46 1.54
CA SER B 217 -28.74 10.98 2.54
C SER B 217 -28.87 10.30 3.89
N TYR B 218 -29.80 9.36 4.06
CA TYR B 218 -29.96 8.68 5.35
C TYR B 218 -28.75 7.83 5.68
N LYS B 219 -28.17 7.15 4.68
CA LYS B 219 -27.05 6.26 4.93
C LYS B 219 -25.79 7.02 5.35
N ASP B 220 -25.56 8.21 4.78
CA ASP B 220 -24.35 8.96 5.09
C ASP B 220 -24.34 9.41 6.54
N SER B 221 -25.49 9.85 7.05
CA SER B 221 -25.55 10.36 8.42
C SER B 221 -25.53 9.23 9.44
N THR B 222 -26.27 8.15 9.18
CA THR B 222 -26.35 7.06 10.15
C THR B 222 -25.02 6.33 10.32
N LEU B 223 -24.23 6.22 9.25
CA LEU B 223 -22.91 5.61 9.37
C LEU B 223 -22.05 6.36 10.40
N ILE B 224 -22.06 7.69 10.33
CA ILE B 224 -21.30 8.48 11.31
C ILE B 224 -21.91 8.34 12.69
N MET B 225 -23.24 8.28 12.77
CA MET B 225 -23.91 8.12 14.06
C MET B 225 -23.55 6.78 14.70
N GLN B 226 -23.34 5.75 13.89
CA GLN B 226 -22.91 4.46 14.44
C GLN B 226 -21.49 4.53 14.96
N LEU B 227 -20.61 5.28 14.29
CA LEU B 227 -19.26 5.49 14.80
C LEU B 227 -19.28 6.25 16.12
N LEU B 228 -20.10 7.30 16.21
CA LEU B 228 -20.26 7.99 17.49
C LEU B 228 -20.66 7.00 18.58
N ARG B 229 -21.63 6.13 18.27
CA ARG B 229 -22.09 5.14 19.24
C ARG B 229 -21.00 4.13 19.56
N ASP B 230 -20.24 3.70 18.55
CA ASP B 230 -19.13 2.77 18.80
C ASP B 230 -18.11 3.39 19.74
N ASN B 231 -17.74 4.65 19.51
CA ASN B 231 -16.77 5.30 20.38
C ASN B 231 -17.28 5.41 21.80
N LEU B 232 -18.58 5.72 21.97
CA LEU B 232 -19.14 5.83 23.30
C LEU B 232 -19.03 4.53 24.08
N THR B 233 -19.23 3.39 23.40
CA THR B 233 -19.01 2.10 24.04
C THR B 233 -17.56 1.96 24.47
N LEU B 234 -16.63 2.26 23.57
CA LEU B 234 -15.21 2.23 23.90
C LEU B 234 -14.91 3.09 25.14
N TRP B 235 -15.42 4.32 25.15
CA TRP B 235 -15.00 5.30 26.14
C TRP B 235 -15.69 5.14 27.49
N THR B 236 -16.87 4.51 27.53
CA THR B 236 -17.61 4.37 28.78
C THR B 236 -17.47 2.95 29.33
N HIS C 5 -7.28 3.70 20.24
CA HIS C 5 -7.69 3.43 18.87
C HIS C 5 -9.16 3.74 18.66
N SER C 6 -9.52 5.02 18.83
CA SER C 6 -10.88 5.46 18.64
C SER C 6 -11.18 5.62 17.14
N LEU C 7 -12.46 5.56 16.82
CA LEU C 7 -12.90 5.67 15.43
C LEU C 7 -13.15 7.13 15.02
N SEP C 8 -12.65 7.47 13.83
CA SEP C 8 -12.83 8.80 13.27
CB SEP C 8 -11.49 9.51 13.13
OG SEP C 8 -10.62 8.76 12.31
C SEP C 8 -13.51 8.68 11.91
O SEP C 8 -13.92 7.58 11.51
P SEP C 8 -9.14 9.39 12.24
O1P SEP C 8 -8.48 9.44 13.70
O2P SEP C 8 -9.22 10.87 11.62
O3P SEP C 8 -8.24 8.46 11.28
HA SEP C 8 -13.41 9.33 13.86
HB2 SEP C 8 -11.09 9.63 14.00
HB3 SEP C 8 -11.63 10.38 12.71
N THR C 9 -13.63 9.79 11.19
CA THR C 9 -14.31 9.80 9.91
C THR C 9 -13.58 8.96 8.86
N SER C 10 -12.31 8.67 9.10
CA SER C 10 -11.56 7.78 8.22
C SER C 10 -12.14 6.38 8.20
N ASP C 11 -12.93 6.02 9.22
CA ASP C 11 -13.38 4.64 9.42
C ASP C 11 -14.81 4.40 8.95
N ILE C 12 -15.41 5.32 8.20
CA ILE C 12 -16.80 5.15 7.81
C ILE C 12 -16.90 4.04 6.77
N HIS D 5 -7.61 -15.63 -13.84
CA HIS D 5 -6.26 -15.27 -14.27
C HIS D 5 -5.32 -16.44 -14.05
N SER D 6 -4.07 -16.30 -14.49
CA SER D 6 -3.04 -17.32 -14.28
C SER D 6 -2.40 -17.11 -12.92
N LEU D 7 -2.37 -18.16 -12.11
CA LEU D 7 -1.76 -18.11 -10.79
C LEU D 7 -0.27 -18.44 -10.85
N SEP D 8 0.54 -17.61 -10.19
CA SEP D 8 1.96 -17.89 -10.07
CB SEP D 8 2.80 -16.73 -10.60
OG SEP D 8 2.62 -15.58 -9.80
C SEP D 8 2.30 -18.17 -8.61
O SEP D 8 1.41 -18.37 -7.79
P SEP D 8 3.30 -14.28 -10.48
O1P SEP D 8 2.82 -14.16 -12.01
O2P SEP D 8 4.90 -14.41 -10.41
O3P SEP D 8 2.84 -12.98 -9.67
HA SEP D 8 2.18 -18.69 -10.60
HB2 SEP D 8 2.53 -16.52 -11.50
HB3 SEP D 8 3.74 -16.98 -10.58
N THR D 9 3.59 -18.19 -8.29
CA THR D 9 4.03 -18.46 -6.93
C THR D 9 3.63 -17.31 -5.99
N SER D 10 3.56 -16.09 -6.53
CA SER D 10 3.13 -14.95 -5.73
C SER D 10 1.77 -15.20 -5.09
N ASP D 11 0.93 -16.02 -5.72
CA ASP D 11 -0.42 -16.31 -5.23
C ASP D 11 -0.43 -17.40 -4.15
N ILE D 12 0.50 -17.33 -3.20
CA ILE D 12 0.60 -18.28 -2.11
C ILE D 12 0.45 -19.71 -2.62
C1 B3P E . 15.48 -0.07 -22.41
C2 B3P E . 16.73 0.22 -23.29
C3 B3P E . 15.77 -1.17 -21.34
N1 B3P E . 14.71 -1.13 -20.33
C4 B3P E . 14.64 -2.38 -19.51
C5 B3P E . 13.98 -3.52 -20.32
C6 B3P E . 16.04 -2.82 -19.06
C7 B3P E . 13.78 -2.04 -18.28
N2 B3P E . 16.25 0.49 -24.70
C8 B3P E . 17.37 0.84 -25.66
C9 B3P E . 18.15 -0.44 -26.09
C10 B3P E . 18.29 1.94 -25.09
C11 B3P E . 16.68 1.42 -26.92
O1 B3P E . 18.38 -0.38 -27.47
O2 B3P E . 19.28 1.36 -24.28
O3 B3P E . 15.77 2.41 -26.51
O4 B3P E . 12.74 -3.07 -20.79
O5 B3P E . 15.89 -3.87 -18.14
O6 B3P E . 14.29 -0.85 -17.71
H11 B3P E . 15.22 0.74 -21.95
H12 B3P E . 14.75 -0.37 -22.97
H21 B3P E . 17.32 -0.55 -23.29
H22 B3P E . 17.20 1.00 -22.95
H31 B3P E . 15.80 -2.04 -21.75
H32 B3P E . 16.62 -0.99 -20.91
HN1 B3P E . 13.93 -0.99 -20.73
H51 B3P E . 14.55 -3.75 -21.06
H52 B3P E . 13.86 -4.29 -19.74
H61 B3P E . 16.55 -3.12 -19.82
H62 B3P E . 16.50 -2.08 -18.63
H71 B3P E . 12.86 -1.91 -18.56
H72 B3P E . 13.84 -2.77 -17.65
HN2 B3P E . 15.66 1.16 -24.69
H91 B3P E . 19.00 -0.49 -25.63
H92 B3P E . 17.62 -1.23 -25.89
H101 B3P E . 17.76 2.55 -24.56
H102 B3P E . 18.72 2.42 -25.82
H111 B3P E . 16.21 0.71 -27.39
H112 B3P E . 17.34 1.82 -27.51
HO1 B3P E . 18.62 -1.14 -27.76
HO2 B3P E . 19.01 0.62 -23.99
HO3 B3P E . 16.18 3.02 -26.09
HO4 B3P E . 12.11 -3.46 -20.36
HO5 B3P E . 15.90 -4.60 -18.55
HO6 B3P E . 14.24 -0.90 -16.86
#